data_1THP
#
_entry.id   1THP
#
_cell.length_a   53.100
_cell.length_b   75.100
_cell.length_c   82.400
_cell.angle_alpha   90.00
_cell.angle_beta   90.00
_cell.angle_gamma   90.00
#
_symmetry.space_group_name_H-M   'P 21 21 21'
#
loop_
_entity.id
_entity.type
_entity.pdbx_description
1 polymer 'PROTEIN (THROMBIN LIGHT CHAIN)'
2 polymer 'PROTEIN (THROMBIN HEAVY CHAIN)'
3 non-polymer D-phenylalanyl-N-[(2S,3S)-6-{[amino(iminio)methyl]amino}-1-chloro-2-hydroxyhexan-3-yl]-L-prolinamide
4 water water
#
loop_
_entity_poly.entity_id
_entity_poly.type
_entity_poly.pdbx_seq_one_letter_code
_entity_poly.pdbx_strand_id
1 'polypeptide(L)' TFGSGEADCGLRPLFEKKSLEDKTERELLESYIDGR A
2 'polypeptide(L)'
;IVEGSDAEIGMSPWQVMLFRKSPQELLCGASLISDRWVLTAAHCLLYPPWDKNFTENDLLVRIGKHSRTRYERNIEKISM
LEKIYIHPRYNWRENLDRDIALMKLKKPVAFSDYIHPVCLPDRETAASLLQAGYKGRVTGWGNLKETWTANVGKGQPSVL
QVVNLPIVERPVCKDSTRIRITDNMFCAGYKPDEGKRGDACEGDSGGPFVMKSPFNNRWYQMGIVSWGEGCDRDGKPGFY
THVFRLKKWIQKVIDQFGE
;
B
#
loop_
_chem_comp.id
_chem_comp.type
_chem_comp.name
_chem_comp.formula
0G6 peptide-like D-phenylalanyl-N-[(2S,3S)-6-{[amino(iminio)methyl]amino}-1-chloro-2-hydroxyhexan-3-yl]-L-prolinamide 'C21 H34 Cl N6 O3 1'
#
# COMPACT_ATOMS: atom_id res chain seq x y z
N ALA A 7 -5.18 -19.50 -2.32
CA ALA A 7 -5.81 -18.79 -1.18
C ALA A 7 -6.95 -17.86 -1.64
N ASP A 8 -7.69 -17.36 -0.67
CA ASP A 8 -8.78 -16.45 -0.95
C ASP A 8 -8.25 -14.99 -0.96
N CYS A 9 -7.61 -14.58 -2.05
CA CYS A 9 -7.08 -13.21 -2.16
C CYS A 9 -7.22 -12.61 -3.55
N GLY A 10 -7.09 -11.29 -3.63
CA GLY A 10 -7.17 -10.58 -4.88
C GLY A 10 -8.52 -10.55 -5.58
N LEU A 11 -9.51 -11.22 -5.01
CA LEU A 11 -10.84 -11.22 -5.61
C LEU A 11 -11.85 -10.53 -4.69
N ARG A 12 -12.41 -9.42 -5.18
CA ARG A 12 -13.37 -8.63 -4.43
C ARG A 12 -14.82 -9.05 -4.61
N PRO A 13 -15.51 -9.38 -3.52
CA PRO A 13 -16.93 -9.80 -3.55
C PRO A 13 -17.83 -8.89 -4.39
N LEU A 14 -17.67 -7.58 -4.24
CA LEU A 14 -18.53 -6.62 -4.95
C LEU A 14 -18.06 -6.30 -6.37
N PHE A 15 -16.97 -6.92 -6.80
CA PHE A 15 -16.49 -6.66 -8.15
C PHE A 15 -16.17 -7.93 -8.92
N GLU A 16 -14.99 -8.50 -8.76
CA GLU A 16 -14.67 -9.71 -9.50
C GLU A 16 -15.70 -10.82 -9.26
N LYS A 17 -16.13 -10.98 -8.01
CA LYS A 17 -17.07 -12.05 -7.71
C LYS A 17 -18.44 -11.82 -8.31
N LYS A 18 -18.74 -10.58 -8.70
CA LYS A 18 -20.01 -10.24 -9.31
C LYS A 18 -19.78 -10.04 -10.80
N SER A 19 -18.55 -10.29 -11.24
CA SER A 19 -18.19 -10.12 -12.62
C SER A 19 -18.46 -8.67 -13.02
N LEU A 20 -18.12 -7.74 -12.14
CA LEU A 20 -18.31 -6.29 -12.36
C LEU A 20 -16.97 -5.61 -12.21
N GLU A 21 -16.66 -4.67 -13.08
CA GLU A 21 -15.39 -3.99 -12.98
C GLU A 21 -15.58 -2.67 -12.24
N ASP A 22 -14.53 -2.17 -11.62
CA ASP A 22 -14.65 -0.90 -10.94
C ASP A 22 -14.46 0.15 -12.06
N LYS A 23 -14.73 1.42 -11.76
CA LYS A 23 -14.65 2.47 -12.76
C LYS A 23 -13.32 2.76 -13.42
N THR A 24 -12.21 2.42 -12.78
CA THR A 24 -10.93 2.74 -13.39
C THR A 24 -9.96 1.59 -13.70
N GLU A 25 -10.32 0.36 -13.36
CA GLU A 25 -9.43 -0.78 -13.60
C GLU A 25 -9.14 -1.06 -15.07
N ARG A 26 -9.90 -0.45 -15.96
CA ARG A 26 -9.68 -0.63 -17.39
C ARG A 26 -8.43 0.16 -17.79
N GLU A 27 -8.16 1.25 -17.08
CA GLU A 27 -6.98 2.09 -17.32
C GLU A 27 -5.74 1.21 -17.07
N LEU A 28 -5.83 0.36 -16.05
CA LEU A 28 -4.74 -0.55 -15.71
C LEU A 28 -4.58 -1.62 -16.76
N LEU A 29 -5.67 -2.31 -17.08
CA LEU A 29 -5.60 -3.34 -18.11
C LEU A 29 -5.11 -2.80 -19.44
N GLU A 30 -5.58 -1.62 -19.81
CA GLU A 30 -5.20 -1.00 -21.07
C GLU A 30 -3.70 -0.67 -21.09
N SER A 31 -3.15 -0.30 -19.93
CA SER A 31 -1.71 0.01 -19.85
C SER A 31 -0.84 -1.20 -20.18
N TYR A 32 -1.40 -2.39 -20.04
CA TYR A 32 -0.65 -3.59 -20.39
C TYR A 32 -0.73 -3.60 -21.90
N ILE A 33 -1.89 -3.16 -22.40
CA ILE A 33 -2.21 -3.05 -23.83
C ILE A 33 -3.00 -4.27 -24.32
N ILE B 1 -3.06 11.04 -0.52
CA ILE B 1 -3.12 10.89 -2.01
C ILE B 1 -3.44 12.21 -2.69
N VAL B 2 -2.58 12.57 -3.65
CA VAL B 2 -2.69 13.80 -4.40
C VAL B 2 -3.28 13.55 -5.78
N GLU B 3 -4.38 14.26 -6.08
CA GLU B 3 -5.07 14.15 -7.37
C GLU B 3 -5.73 12.80 -7.61
N GLY B 4 -6.26 12.20 -6.56
CA GLY B 4 -6.92 10.92 -6.71
C GLY B 4 -8.42 11.12 -6.71
N SER B 5 -9.16 10.03 -6.60
CA SER B 5 -10.61 10.08 -6.60
C SER B 5 -11.13 9.25 -5.44
N ASP B 6 -12.35 9.54 -5.02
CA ASP B 6 -12.96 8.83 -3.92
C ASP B 6 -13.08 7.39 -4.29
N ALA B 7 -12.73 6.51 -3.34
CA ALA B 7 -12.82 5.08 -3.58
C ALA B 7 -14.26 4.57 -3.63
N GLU B 8 -14.54 3.65 -4.54
CA GLU B 8 -15.87 3.05 -4.60
C GLU B 8 -15.92 2.10 -3.39
N ILE B 9 -17.11 1.90 -2.83
CA ILE B 9 -17.27 0.99 -1.67
C ILE B 9 -16.86 -0.41 -2.06
N GLY B 10 -16.00 -1.03 -1.25
CA GLY B 10 -15.58 -2.38 -1.52
C GLY B 10 -14.53 -2.56 -2.61
N MET B 11 -14.00 -1.46 -3.13
CA MET B 11 -12.99 -1.53 -4.19
C MET B 11 -11.56 -1.86 -3.73
N SER B 12 -11.29 -1.63 -2.46
CA SER B 12 -9.97 -1.93 -1.88
C SER B 12 -10.24 -2.55 -0.51
N PRO B 13 -10.81 -3.76 -0.51
CA PRO B 13 -11.16 -4.51 0.71
C PRO B 13 -9.99 -4.91 1.62
N TRP B 14 -8.78 -4.88 1.07
CA TRP B 14 -7.58 -5.24 1.84
C TRP B 14 -7.00 -4.00 2.52
N GLN B 15 -7.63 -2.84 2.33
CA GLN B 15 -7.14 -1.60 2.91
C GLN B 15 -7.12 -1.62 4.43
N VAL B 16 -6.00 -1.21 5.00
CA VAL B 16 -5.88 -1.17 6.45
C VAL B 16 -5.40 0.20 6.94
N MET B 17 -5.94 0.62 8.08
CA MET B 17 -5.59 1.90 8.67
C MET B 17 -4.86 1.68 9.98
N LEU B 18 -3.65 2.23 10.08
CA LEU B 18 -2.82 2.12 11.29
C LEU B 18 -2.99 3.36 12.17
N PHE B 19 -3.60 3.17 13.34
CA PHE B 19 -3.87 4.23 14.31
C PHE B 19 -3.06 4.13 15.60
N ARG B 20 -2.79 5.29 16.19
CA ARG B 20 -2.13 5.35 17.47
C ARG B 20 -3.33 5.07 18.38
N LYS B 21 -3.16 4.20 19.37
CA LYS B 21 -4.23 3.83 20.30
C LYS B 21 -4.69 5.01 21.16
N SER B 22 -3.74 5.72 21.75
CA SER B 22 -4.07 6.87 22.59
C SER B 22 -2.99 7.96 22.62
N PRO B 23 -3.36 9.18 22.20
CA PRO B 23 -4.72 9.49 21.75
C PRO B 23 -4.93 8.92 20.37
N GLN B 24 -6.19 8.78 20.00
CA GLN B 24 -6.60 8.25 18.71
C GLN B 24 -6.01 9.11 17.61
N GLU B 25 -5.19 8.51 16.75
CA GLU B 25 -4.55 9.23 15.66
C GLU B 25 -4.20 8.35 14.46
N LEU B 26 -4.67 8.73 13.28
CA LEU B 26 -4.37 7.96 12.07
C LEU B 26 -2.87 8.16 11.79
N LEU B 27 -2.13 7.06 11.75
CA LEU B 27 -0.71 7.14 11.52
C LEU B 27 -0.24 6.83 10.08
N CYS B 28 -0.80 5.78 9.48
CA CYS B 28 -0.35 5.38 8.16
C CYS B 28 -1.37 4.46 7.57
N GLY B 29 -1.02 3.95 6.39
CA GLY B 29 -1.86 3.01 5.68
C GLY B 29 -1.25 1.63 5.89
N ALA B 30 -1.94 0.61 5.40
CA ALA B 30 -1.47 -0.76 5.55
C ALA B 30 -2.32 -1.64 4.65
N SER B 31 -2.05 -2.94 4.67
CA SER B 31 -2.79 -3.88 3.83
C SER B 31 -2.89 -5.28 4.43
N LEU B 32 -4.08 -5.87 4.25
CA LEU B 32 -4.42 -7.22 4.72
C LEU B 32 -3.92 -8.29 3.73
N ILE B 33 -3.02 -9.17 4.19
CA ILE B 33 -2.47 -10.22 3.34
C ILE B 33 -2.89 -11.63 3.75
N SER B 34 -3.60 -11.72 4.86
CA SER B 34 -4.10 -12.98 5.38
C SER B 34 -5.10 -12.53 6.44
N ASP B 35 -5.79 -13.46 7.08
CA ASP B 35 -6.76 -13.01 8.07
C ASP B 35 -6.12 -12.64 9.40
N ARG B 36 -4.80 -12.73 9.46
CA ARG B 36 -4.05 -12.41 10.66
C ARG B 36 -2.77 -11.58 10.42
N TRP B 37 -2.42 -11.35 9.16
CA TRP B 37 -1.21 -10.60 8.88
C TRP B 37 -1.50 -9.30 8.14
N VAL B 38 -0.83 -8.23 8.57
CA VAL B 38 -1.00 -6.91 7.98
C VAL B 38 0.36 -6.39 7.58
N LEU B 39 0.47 -6.00 6.31
CA LEU B 39 1.71 -5.49 5.76
C LEU B 39 1.73 -3.96 5.76
N THR B 40 2.84 -3.36 6.18
CA THR B 40 2.96 -1.92 6.22
C THR B 40 4.41 -1.47 5.94
N ALA B 41 4.66 -0.18 6.07
CA ALA B 41 6.02 0.32 5.86
C ALA B 41 6.70 0.36 7.22
N ALA B 42 7.99 0.03 7.25
CA ALA B 42 8.71 0.03 8.53
C ALA B 42 8.78 1.42 9.19
N HIS B 43 8.94 2.45 8.37
CA HIS B 43 9.04 3.80 8.93
C HIS B 43 7.75 4.26 9.58
N CYS B 44 6.67 3.51 9.40
CA CYS B 44 5.42 3.89 10.04
C CYS B 44 5.49 3.49 11.51
N LEU B 45 6.46 2.65 11.83
CA LEU B 45 6.62 2.14 13.18
C LEU B 45 7.93 2.54 13.82
N LEU B 46 8.98 2.57 13.01
CA LEU B 46 10.29 2.91 13.52
C LEU B 46 11.01 3.94 12.65
N TYR B 47 11.16 5.15 13.19
CA TYR B 47 11.87 6.22 12.49
C TYR B 47 12.43 7.18 13.53
N PRO B 48 13.60 6.88 14.08
CA PRO B 48 14.27 7.72 15.10
C PRO B 48 14.33 9.23 14.81
N PRO B 49 14.65 9.62 13.57
CA PRO B 49 14.70 11.06 13.31
C PRO B 49 13.41 11.80 13.63
N TRP B 50 12.30 11.08 13.67
CA TRP B 50 11.02 11.72 13.96
C TRP B 50 10.55 11.27 15.33
N ASP B 51 11.47 10.77 16.13
CA ASP B 51 11.10 10.32 17.46
C ASP B 51 10.05 9.22 17.38
N LYS B 52 10.19 8.32 16.41
CA LYS B 52 9.23 7.23 16.23
C LYS B 52 9.78 5.84 16.53
N ASN B 53 9.09 5.14 17.41
CA ASN B 53 9.48 3.80 17.79
C ASN B 53 8.30 3.23 18.57
N PHE B 54 7.27 2.83 17.86
CA PHE B 54 6.08 2.27 18.49
C PHE B 54 6.25 0.79 18.87
N THR B 55 5.42 0.35 19.81
CA THR B 55 5.42 -1.03 20.24
C THR B 55 4.02 -1.53 19.95
N GLU B 56 3.83 -2.84 20.01
CA GLU B 56 2.53 -3.46 19.75
C GLU B 56 1.44 -2.75 20.52
N ASN B 57 1.63 -2.64 21.84
CA ASN B 57 0.66 -2.02 22.73
C ASN B 57 0.25 -0.59 22.37
N ASP B 58 1.10 0.13 21.65
CA ASP B 58 0.81 1.52 21.29
C ASP B 58 -0.18 1.70 20.14
N LEU B 59 -0.33 0.67 19.33
CA LEU B 59 -1.17 0.77 18.16
C LEU B 59 -2.36 -0.14 18.04
N LEU B 60 -3.18 0.18 17.04
CA LEU B 60 -4.37 -0.59 16.68
C LEU B 60 -4.54 -0.46 15.17
N VAL B 61 -5.46 -1.24 14.62
CA VAL B 61 -5.67 -1.25 13.20
C VAL B 61 -7.16 -1.32 12.93
N ARG B 62 -7.59 -0.63 11.89
CA ARG B 62 -8.98 -0.64 11.49
C ARG B 62 -9.07 -1.16 10.09
N ILE B 63 -10.03 -2.05 9.87
CA ILE B 63 -10.23 -2.71 8.58
C ILE B 63 -11.67 -2.58 8.13
N GLY B 64 -11.89 -2.51 6.82
CA GLY B 64 -13.24 -2.35 6.29
C GLY B 64 -13.87 -0.99 6.59
N LYS B 65 -13.03 -0.01 6.93
CA LYS B 65 -13.50 1.33 7.27
C LYS B 65 -13.68 2.27 6.08
N HIS B 66 -14.92 2.66 5.79
CA HIS B 66 -15.21 3.51 4.64
C HIS B 66 -15.26 5.02 4.90
N SER B 67 -15.56 5.41 6.12
CA SER B 67 -15.63 6.84 6.46
C SER B 67 -14.80 7.05 7.71
N ARG B 68 -14.04 8.13 7.74
CA ARG B 68 -13.24 8.38 8.92
C ARG B 68 -14.12 9.00 9.99
N THR B 69 -15.28 9.48 9.58
CA THR B 69 -16.23 10.09 10.48
C THR B 69 -17.20 9.05 11.06
N ARG B 70 -17.94 8.40 10.17
CA ARG B 70 -18.93 7.40 10.55
C ARG B 70 -18.27 6.08 10.98
N TYR B 71 -19.05 5.25 11.68
CA TYR B 71 -18.56 3.96 12.16
C TYR B 71 -19.45 2.84 11.60
N GLU B 72 -19.22 2.41 10.35
CA GLU B 72 -20.04 1.36 9.71
C GLU B 72 -19.91 0.13 10.66
N ARG B 73 -20.78 0.09 11.67
CA ARG B 73 -20.80 -0.95 12.71
C ARG B 73 -20.40 -2.36 12.36
N ASN B 74 -21.29 -3.12 11.74
CA ASN B 74 -20.91 -4.49 11.44
C ASN B 74 -20.18 -4.58 10.12
N ILE B 75 -19.46 -3.52 9.78
CA ILE B 75 -18.70 -3.48 8.56
C ILE B 75 -17.22 -3.37 8.85
N GLU B 76 -16.85 -2.37 9.63
CA GLU B 76 -15.45 -2.18 9.98
C GLU B 76 -15.09 -3.01 11.17
N LYS B 77 -13.82 -3.40 11.21
CA LYS B 77 -13.29 -4.22 12.30
C LYS B 77 -12.08 -3.51 12.87
N ILE B 78 -11.90 -3.68 14.18
CA ILE B 78 -10.78 -3.10 14.92
C ILE B 78 -10.01 -4.25 15.52
N SER B 79 -8.70 -4.26 15.31
CA SER B 79 -7.85 -5.33 15.82
C SER B 79 -6.59 -4.80 16.49
N MET B 80 -6.19 -5.46 17.56
CA MET B 80 -4.97 -5.08 18.27
C MET B 80 -3.84 -5.88 17.67
N LEU B 81 -2.61 -5.47 17.94
CA LEU B 81 -1.47 -6.17 17.40
C LEU B 81 -0.88 -7.11 18.41
N GLU B 82 -0.55 -8.31 17.93
CA GLU B 82 0.05 -9.33 18.79
C GLU B 82 1.54 -9.14 18.77
N LYS B 83 2.09 -8.86 17.60
CA LYS B 83 3.53 -8.70 17.46
C LYS B 83 3.89 -7.89 16.23
N ILE B 84 4.98 -7.16 16.33
CA ILE B 84 5.46 -6.37 15.21
C ILE B 84 6.81 -6.92 14.76
N TYR B 85 7.00 -6.98 13.45
CA TYR B 85 8.26 -7.45 12.89
C TYR B 85 8.71 -6.43 11.84
N ILE B 86 9.91 -5.90 11.99
CA ILE B 86 10.45 -4.92 11.07
C ILE B 86 11.65 -5.53 10.35
N HIS B 87 11.76 -5.34 9.04
CA HIS B 87 12.89 -5.95 8.34
C HIS B 87 14.21 -5.63 9.05
N PRO B 88 15.03 -6.66 9.33
CA PRO B 88 16.33 -6.53 10.01
C PRO B 88 17.35 -5.61 9.35
N ARG B 89 17.31 -5.51 8.03
CA ARG B 89 18.22 -4.63 7.32
C ARG B 89 17.52 -3.35 6.84
N TYR B 90 16.44 -2.97 7.52
CA TYR B 90 15.67 -1.75 7.22
C TYR B 90 16.65 -0.60 7.46
N ASN B 91 16.90 0.20 6.43
CA ASN B 91 17.86 1.31 6.56
C ASN B 91 17.21 2.68 6.71
N TRP B 92 16.92 3.08 7.95
CA TRP B 92 16.28 4.39 8.20
C TRP B 92 17.27 5.55 8.23
N ARG B 93 18.55 5.23 8.25
CA ARG B 93 19.56 6.28 8.29
C ARG B 93 19.82 6.95 6.96
N GLU B 94 19.81 6.17 5.90
CA GLU B 94 20.15 6.70 4.61
C GLU B 94 19.05 6.84 3.55
N ASN B 95 18.47 5.72 3.11
CA ASN B 95 17.51 5.79 2.03
C ASN B 95 16.19 5.05 2.20
N LEU B 96 15.96 4.51 3.39
CA LEU B 96 14.73 3.77 3.67
C LEU B 96 14.69 2.44 2.92
N ASP B 97 15.87 1.90 2.59
CA ASP B 97 15.93 0.61 1.89
C ASP B 97 15.28 -0.45 2.78
N ARG B 98 14.48 -1.32 2.17
CA ARG B 98 13.72 -2.38 2.90
C ARG B 98 12.74 -1.76 3.89
N ASP B 99 11.96 -0.79 3.42
CA ASP B 99 10.95 -0.10 4.23
C ASP B 99 9.72 -0.98 4.25
N ILE B 100 9.75 -2.00 5.11
CA ILE B 100 8.67 -2.96 5.20
C ILE B 100 8.56 -3.56 6.59
N ALA B 101 7.33 -3.81 7.00
CA ALA B 101 7.05 -4.34 8.31
C ALA B 101 5.80 -5.21 8.26
N LEU B 102 5.71 -6.16 9.18
CA LEU B 102 4.58 -7.06 9.25
C LEU B 102 3.99 -6.98 10.64
N MET B 103 2.67 -6.91 10.71
CA MET B 103 1.97 -6.83 11.98
C MET B 103 0.97 -7.98 12.09
N LYS B 104 1.24 -8.85 13.06
CA LYS B 104 0.39 -9.99 13.33
C LYS B 104 -0.79 -9.55 14.21
N LEU B 105 -2.00 -9.82 13.73
CA LEU B 105 -3.17 -9.43 14.49
C LEU B 105 -3.40 -10.37 15.69
N LYS B 106 -3.90 -9.80 16.77
CA LYS B 106 -4.18 -10.53 17.99
C LYS B 106 -5.14 -11.68 17.67
N LYS B 107 -6.20 -11.35 16.95
CA LYS B 107 -7.22 -12.31 16.55
C LYS B 107 -7.57 -12.10 15.07
N PRO B 108 -7.86 -13.19 14.36
CA PRO B 108 -8.21 -13.20 12.92
C PRO B 108 -9.43 -12.36 12.53
N VAL B 109 -9.34 -11.76 11.35
CA VAL B 109 -10.43 -10.95 10.84
C VAL B 109 -11.24 -11.82 9.90
N ALA B 110 -12.55 -11.81 10.07
CA ALA B 110 -13.43 -12.59 9.21
C ALA B 110 -13.60 -11.85 7.88
N PHE B 111 -13.48 -12.58 6.78
CA PHE B 111 -13.61 -11.98 5.45
C PHE B 111 -15.08 -11.67 5.18
N SER B 112 -15.31 -10.59 4.45
CA SER B 112 -16.65 -10.12 4.12
C SER B 112 -16.62 -9.45 2.76
N ASP B 113 -17.71 -8.81 2.39
CA ASP B 113 -17.75 -8.14 1.10
C ASP B 113 -16.89 -6.89 1.23
N TYR B 114 -16.58 -6.50 2.45
CA TYR B 114 -15.80 -5.30 2.68
C TYR B 114 -14.39 -5.49 3.21
N ILE B 115 -14.02 -6.73 3.49
CA ILE B 115 -12.70 -7.02 4.01
C ILE B 115 -12.20 -8.31 3.35
N HIS B 116 -11.08 -8.19 2.63
CA HIS B 116 -10.46 -9.33 1.97
C HIS B 116 -9.00 -9.08 1.79
N PRO B 117 -8.18 -10.15 1.82
CA PRO B 117 -6.74 -9.96 1.65
C PRO B 117 -6.34 -9.81 0.19
N VAL B 118 -5.24 -9.09 -0.03
CA VAL B 118 -4.72 -8.89 -1.39
C VAL B 118 -3.66 -10.01 -1.59
N CYS B 119 -3.41 -10.44 -2.82
CA CYS B 119 -2.40 -11.48 -3.07
C CYS B 119 -0.98 -10.91 -3.10
N LEU B 120 -0.02 -11.71 -2.68
CA LEU B 120 1.38 -11.31 -2.76
C LEU B 120 1.90 -11.93 -4.06
N PRO B 121 2.69 -11.18 -4.83
CA PRO B 121 3.19 -11.75 -6.09
C PRO B 121 4.09 -12.97 -6.00
N ASP B 122 3.93 -13.88 -6.96
CA ASP B 122 4.79 -15.04 -7.04
C ASP B 122 5.86 -14.54 -8.03
N ARG B 123 6.89 -15.34 -8.27
CA ARG B 123 7.95 -14.95 -9.18
C ARG B 123 7.54 -14.52 -10.58
N GLU B 124 6.66 -15.27 -11.23
CA GLU B 124 6.33 -14.92 -12.61
C GLU B 124 5.31 -13.82 -12.78
N THR B 125 4.52 -13.59 -11.73
CA THR B 125 3.53 -12.53 -11.74
C THR B 125 4.32 -11.20 -11.65
N ALA B 126 5.37 -11.21 -10.85
CA ALA B 126 6.20 -10.03 -10.74
C ALA B 126 6.94 -9.81 -12.06
N ALA B 127 7.48 -10.90 -12.61
CA ALA B 127 8.24 -10.83 -13.85
C ALA B 127 7.47 -10.17 -14.97
N SER B 128 6.19 -10.50 -15.07
CA SER B 128 5.40 -9.93 -16.15
C SER B 128 4.74 -8.58 -15.87
N LEU B 129 4.31 -8.40 -14.63
CA LEU B 129 3.63 -7.18 -14.22
C LEU B 129 4.53 -6.00 -13.93
N LEU B 130 5.74 -6.25 -13.45
CA LEU B 130 6.65 -5.15 -13.13
C LEU B 130 7.37 -4.62 -14.36
N GLN B 131 6.70 -3.76 -15.11
CA GLN B 131 7.25 -3.18 -16.31
C GLN B 131 6.91 -1.71 -16.38
N ALA B 132 7.91 -0.90 -16.74
CA ALA B 132 7.75 0.54 -16.89
C ALA B 132 6.66 0.84 -17.92
N GLY B 133 5.73 1.73 -17.56
CA GLY B 133 4.63 2.03 -18.44
C GLY B 133 3.38 1.33 -17.93
N TYR B 134 3.56 0.18 -17.27
CA TYR B 134 2.41 -0.56 -16.74
C TYR B 134 1.93 0.23 -15.55
N LYS B 135 0.62 0.29 -15.38
CA LYS B 135 0.03 1.03 -14.29
C LYS B 135 -0.43 0.19 -13.13
N GLY B 136 -0.28 0.77 -11.96
CA GLY B 136 -0.69 0.14 -10.71
C GLY B 136 -1.62 1.10 -10.02
N ARG B 137 -2.15 0.71 -8.87
CA ARG B 137 -3.08 1.56 -8.16
C ARG B 137 -2.63 1.76 -6.72
N VAL B 138 -2.66 3.03 -6.27
CA VAL B 138 -2.28 3.37 -4.90
C VAL B 138 -3.50 3.94 -4.15
N THR B 139 -3.64 3.54 -2.89
CA THR B 139 -4.77 3.98 -2.08
C THR B 139 -4.32 4.49 -0.70
N GLY B 140 -5.02 5.49 -0.17
CA GLY B 140 -4.66 6.01 1.15
C GLY B 140 -5.55 7.10 1.72
N TRP B 141 -5.40 7.33 3.02
CA TRP B 141 -6.18 8.36 3.72
C TRP B 141 -5.30 9.56 4.10
N GLY B 142 -4.09 9.60 3.54
CA GLY B 142 -3.15 10.68 3.83
C GLY B 142 -3.42 12.00 3.13
N ASN B 143 -2.49 12.95 3.26
CA ASN B 143 -2.70 14.29 2.66
C ASN B 143 -3.02 14.34 1.19
N LEU B 144 -3.86 15.30 0.82
CA LEU B 144 -4.28 15.51 -0.55
C LEU B 144 -3.35 16.50 -1.26
N LYS B 145 -2.45 17.14 -0.51
CA LYS B 145 -1.48 18.11 -1.05
C LYS B 145 -0.18 18.07 -0.24
N GLU B 146 0.91 18.46 -0.89
CA GLU B 146 2.22 18.47 -0.25
C GLU B 146 2.18 18.92 1.21
N GLY B 155 -6.37 19.22 4.21
CA GLY B 155 -5.71 18.15 4.93
C GLY B 155 -5.82 16.81 4.23
N GLN B 156 -6.55 15.88 4.85
CA GLN B 156 -6.76 14.56 4.29
C GLN B 156 -8.24 14.40 4.04
N PRO B 157 -8.62 13.35 3.30
CA PRO B 157 -10.02 13.07 2.96
C PRO B 157 -10.86 12.42 4.04
N SER B 158 -12.17 12.44 3.80
CA SER B 158 -13.13 11.82 4.68
C SER B 158 -13.42 10.43 4.10
N VAL B 159 -13.03 10.22 2.83
CA VAL B 159 -13.20 8.94 2.14
C VAL B 159 -11.84 8.45 1.61
N LEU B 160 -11.72 7.14 1.37
CA LEU B 160 -10.47 6.58 0.88
C LEU B 160 -10.16 7.17 -0.50
N GLN B 161 -8.91 7.58 -0.71
CA GLN B 161 -8.50 8.15 -2.00
C GLN B 161 -7.77 7.14 -2.84
N VAL B 162 -8.04 7.19 -4.15
CA VAL B 162 -7.46 6.25 -5.12
C VAL B 162 -6.80 6.94 -6.32
N VAL B 163 -5.63 6.45 -6.73
CA VAL B 163 -4.94 7.03 -7.88
C VAL B 163 -4.15 5.95 -8.63
N ASN B 164 -4.32 5.90 -9.95
CA ASN B 164 -3.65 4.94 -10.82
C ASN B 164 -2.41 5.62 -11.43
N LEU B 165 -1.23 5.02 -11.23
CA LEU B 165 0.05 5.57 -11.69
C LEU B 165 0.96 4.58 -12.45
N PRO B 166 1.70 5.06 -13.47
CA PRO B 166 2.61 4.22 -14.26
C PRO B 166 3.95 4.02 -13.59
N ILE B 167 4.46 2.79 -13.71
CA ILE B 167 5.76 2.46 -13.15
C ILE B 167 6.79 3.17 -14.01
N VAL B 168 7.76 3.78 -13.35
CA VAL B 168 8.82 4.52 -14.04
C VAL B 168 10.10 3.70 -14.15
N GLU B 169 10.71 3.78 -15.33
CA GLU B 169 11.99 3.10 -15.63
C GLU B 169 13.07 3.42 -14.55
N ARG B 170 13.71 2.40 -13.98
CA ARG B 170 14.74 2.59 -12.94
C ARG B 170 15.71 3.75 -13.21
N PRO B 171 16.33 3.80 -14.41
CA PRO B 171 17.25 4.92 -14.67
C PRO B 171 16.64 6.30 -14.45
N VAL B 172 15.33 6.43 -14.70
CA VAL B 172 14.61 7.71 -14.52
C VAL B 172 14.39 8.01 -13.02
N CYS B 173 14.02 6.97 -12.27
CA CYS B 173 13.83 7.10 -10.84
C CYS B 173 15.16 7.51 -10.20
N LYS B 174 16.22 6.82 -10.58
CA LYS B 174 17.53 7.10 -10.02
C LYS B 174 17.96 8.55 -10.29
N ASP B 175 17.68 9.05 -11.48
CA ASP B 175 18.06 10.41 -11.86
C ASP B 175 17.19 11.48 -11.24
N SER B 176 16.03 11.07 -10.72
CA SER B 176 15.08 11.98 -10.10
C SER B 176 15.37 12.36 -8.65
N THR B 177 16.38 11.74 -8.07
CA THR B 177 16.63 12.00 -6.66
C THR B 177 18.10 11.81 -6.25
N ARG B 178 18.50 12.48 -5.17
CA ARG B 178 19.87 12.40 -4.68
C ARG B 178 19.99 11.24 -3.70
N ILE B 179 18.85 10.75 -3.24
CA ILE B 179 18.80 9.61 -2.31
C ILE B 179 19.40 8.40 -3.02
N ARG B 180 20.18 7.60 -2.31
CA ARG B 180 20.80 6.43 -2.93
C ARG B 180 19.73 5.37 -3.03
N ILE B 181 19.20 5.19 -4.24
CA ILE B 181 18.15 4.24 -4.50
C ILE B 181 18.65 2.80 -4.62
N THR B 182 17.81 1.86 -4.24
CA THR B 182 18.19 0.46 -4.31
C THR B 182 17.17 -0.39 -5.09
N ASP B 183 17.58 -1.62 -5.37
CA ASP B 183 16.78 -2.59 -6.08
C ASP B 183 15.53 -2.96 -5.32
N ASN B 184 15.56 -2.71 -4.01
CA ASN B 184 14.40 -3.02 -3.17
C ASN B 184 13.33 -1.94 -3.20
N MET B 185 13.46 -1.01 -4.16
CA MET B 185 12.47 0.07 -4.32
C MET B 185 12.16 0.29 -5.80
N PHE B 186 11.07 1.00 -6.08
CA PHE B 186 10.72 1.36 -7.44
C PHE B 186 9.88 2.63 -7.37
N CYS B 187 9.84 3.39 -8.46
CA CYS B 187 9.06 4.63 -8.44
C CYS B 187 7.97 4.63 -9.49
N ALA B 188 6.93 5.40 -9.26
CA ALA B 188 5.82 5.45 -10.18
C ALA B 188 5.28 6.86 -10.27
N GLY B 189 4.87 7.26 -11.47
CA GLY B 189 4.34 8.60 -11.66
C GLY B 189 4.25 9.04 -13.12
N TYR B 190 3.52 10.12 -13.37
CA TYR B 190 3.34 10.65 -14.72
C TYR B 190 4.46 11.60 -15.12
N LYS B 191 4.69 11.70 -16.43
CA LYS B 191 5.70 12.59 -16.98
C LYS B 191 5.18 14.02 -16.89
N PRO B 192 6.07 15.01 -16.78
CA PRO B 192 5.57 16.39 -16.70
C PRO B 192 4.68 16.79 -17.87
N ASP B 193 5.08 16.43 -19.08
CA ASP B 193 4.29 16.74 -20.28
C ASP B 193 3.44 15.52 -20.62
N GLU B 194 2.24 15.43 -20.04
CA GLU B 194 1.40 14.28 -20.33
C GLU B 194 -0.04 14.43 -19.85
N GLY B 195 -0.34 15.58 -19.26
CA GLY B 195 -1.68 15.81 -18.79
C GLY B 195 -1.93 15.45 -17.34
N LYS B 196 -2.29 14.19 -17.09
CA LYS B 196 -2.59 13.72 -15.74
C LYS B 196 -1.45 13.80 -14.72
N ARG B 197 -1.83 13.93 -13.45
CA ARG B 197 -0.88 14.00 -12.35
C ARG B 197 -1.24 12.90 -11.34
N GLY B 198 -0.62 12.93 -10.16
CA GLY B 198 -0.93 11.92 -9.17
C GLY B 198 0.28 11.44 -8.39
N ASP B 199 0.06 11.15 -7.10
CA ASP B 199 1.14 10.69 -6.24
C ASP B 199 0.57 10.32 -4.88
N ALA B 200 1.39 9.67 -4.07
CA ALA B 200 1.02 9.34 -2.71
C ALA B 200 1.54 10.59 -1.96
N CYS B 201 1.36 10.64 -0.65
CA CYS B 201 1.81 11.80 0.13
C CYS B 201 1.97 11.37 1.59
N GLU B 202 2.29 12.31 2.47
CA GLU B 202 2.45 11.97 3.87
C GLU B 202 1.12 11.39 4.38
N GLY B 203 1.24 10.41 5.25
CA GLY B 203 0.07 9.76 5.79
C GLY B 203 -0.26 8.51 4.98
N ASP B 204 0.24 8.42 3.75
CA ASP B 204 -0.07 7.28 2.87
C ASP B 204 0.86 6.08 2.97
N SER B 205 2.05 6.29 3.52
CA SER B 205 3.05 5.23 3.69
C SER B 205 2.40 3.99 4.30
N GLY B 206 2.87 2.81 3.90
CA GLY B 206 2.31 1.59 4.44
C GLY B 206 1.19 1.07 3.56
N GLY B 207 0.62 1.97 2.77
CA GLY B 207 -0.47 1.63 1.88
C GLY B 207 0.04 0.88 0.67
N PRO B 208 -0.81 0.04 0.05
CA PRO B 208 -0.52 -0.78 -1.12
C PRO B 208 -0.52 -0.15 -2.52
N PHE B 209 0.40 -0.64 -3.33
CA PHE B 209 0.51 -0.27 -4.74
C PHE B 209 0.10 -1.65 -5.30
N VAL B 210 -1.09 -1.73 -5.87
CA VAL B 210 -1.57 -3.00 -6.38
C VAL B 210 -1.77 -3.03 -7.90
N MET B 211 -1.77 -4.24 -8.43
CA MET B 211 -1.96 -4.43 -9.86
C MET B 211 -2.90 -5.60 -10.09
N LYS B 212 -3.72 -5.51 -11.14
CA LYS B 212 -4.63 -6.60 -11.46
C LYS B 212 -3.93 -7.54 -12.42
N SER B 213 -3.98 -8.82 -12.14
CA SER B 213 -3.35 -9.77 -13.01
C SER B 213 -4.25 -10.02 -14.23
N PRO B 214 -3.72 -9.78 -15.44
CA PRO B 214 -4.56 -10.02 -16.61
C PRO B 214 -4.70 -11.54 -16.80
N PHE B 215 -3.87 -12.30 -16.10
CA PHE B 215 -3.91 -13.75 -16.19
C PHE B 215 -5.00 -14.43 -15.36
N ASN B 216 -5.17 -14.03 -14.10
CA ASN B 216 -6.18 -14.67 -13.30
C ASN B 216 -7.21 -13.76 -12.65
N ASN B 217 -7.20 -12.49 -13.08
CA ASN B 217 -8.14 -11.50 -12.57
C ASN B 217 -7.94 -11.10 -11.12
N ARG B 218 -6.81 -11.48 -10.54
CA ARG B 218 -6.55 -11.15 -9.14
C ARG B 218 -5.67 -9.91 -8.97
N TRP B 219 -5.88 -9.21 -7.86
CA TRP B 219 -5.14 -8.02 -7.49
C TRP B 219 -3.96 -8.49 -6.64
N TYR B 220 -2.79 -7.98 -6.97
CA TYR B 220 -1.56 -8.35 -6.29
C TYR B 220 -0.89 -7.10 -5.74
N GLN B 221 -0.36 -7.17 -4.53
CA GLN B 221 0.32 -5.99 -4.02
C GLN B 221 1.79 -6.06 -4.45
N MET B 222 2.15 -5.16 -5.36
CA MET B 222 3.51 -5.09 -5.89
C MET B 222 4.41 -4.16 -5.09
N GLY B 223 3.84 -3.21 -4.38
CA GLY B 223 4.66 -2.28 -3.60
C GLY B 223 3.97 -1.73 -2.36
N ILE B 224 4.74 -1.01 -1.54
CA ILE B 224 4.23 -0.39 -0.32
C ILE B 224 4.65 1.09 -0.40
N VAL B 225 3.72 2.04 -0.18
CA VAL B 225 4.12 3.45 -0.24
C VAL B 225 5.28 3.60 0.73
N SER B 226 6.38 4.19 0.27
CA SER B 226 7.54 4.36 1.12
C SER B 226 8.01 5.82 1.29
N TRP B 227 8.29 6.51 0.20
CA TRP B 227 8.77 7.87 0.31
C TRP B 227 8.75 8.64 -0.98
N GLY B 228 9.16 9.91 -0.87
CA GLY B 228 9.20 10.79 -2.02
C GLY B 228 9.77 12.15 -1.62
N GLU B 229 9.70 13.10 -2.55
CA GLU B 229 10.19 14.45 -2.29
C GLU B 229 9.00 15.33 -2.56
N GLY B 230 8.40 15.83 -1.48
CA GLY B 230 7.20 16.62 -1.64
C GLY B 230 6.15 15.61 -2.13
N CYS B 231 5.06 16.11 -2.71
CA CYS B 231 4.02 15.22 -3.23
C CYS B 231 3.60 15.76 -4.59
N ASP B 232 3.51 14.86 -5.56
CA ASP B 232 3.10 15.18 -6.93
C ASP B 232 3.85 16.34 -7.61
N ARG B 233 5.16 16.43 -7.38
CA ARG B 233 5.96 17.48 -8.00
C ARG B 233 6.40 17.01 -9.38
N ASP B 234 6.43 17.89 -10.39
CA ASP B 234 6.88 17.48 -11.71
C ASP B 234 8.27 16.87 -11.63
N GLY B 235 8.50 15.81 -12.39
CA GLY B 235 9.80 15.17 -12.35
C GLY B 235 10.15 14.49 -11.03
N LYS B 236 9.21 14.40 -10.09
CA LYS B 236 9.48 13.75 -8.79
C LYS B 236 8.54 12.58 -8.45
N PRO B 237 8.66 11.46 -9.19
CA PRO B 237 7.79 10.32 -8.91
C PRO B 237 8.02 9.74 -7.50
N GLY B 238 6.93 9.32 -6.84
CA GLY B 238 7.05 8.78 -5.50
C GLY B 238 7.62 7.39 -5.47
N PHE B 239 8.18 6.98 -4.34
CA PHE B 239 8.81 5.65 -4.25
C PHE B 239 8.08 4.61 -3.42
N TYR B 240 8.30 3.35 -3.80
CA TYR B 240 7.66 2.20 -3.18
C TYR B 240 8.61 1.07 -2.81
N THR B 241 8.30 0.37 -1.73
CA THR B 241 9.11 -0.77 -1.36
C THR B 241 8.69 -1.86 -2.34
N HIS B 242 9.68 -2.58 -2.87
CA HIS B 242 9.47 -3.64 -3.84
C HIS B 242 9.13 -4.92 -3.08
N VAL B 243 7.83 -5.18 -2.92
CA VAL B 243 7.36 -6.35 -2.18
C VAL B 243 7.95 -7.71 -2.58
N PHE B 244 7.99 -8.02 -3.87
CA PHE B 244 8.53 -9.34 -4.28
C PHE B 244 9.99 -9.55 -3.92
N ARG B 245 10.81 -8.50 -4.04
CA ARG B 245 12.22 -8.62 -3.70
C ARG B 245 12.41 -8.92 -2.20
N LEU B 246 11.40 -8.60 -1.41
CA LEU B 246 11.47 -8.84 0.03
C LEU B 246 10.56 -9.99 0.51
N LYS B 247 10.07 -10.81 -0.42
CA LYS B 247 9.19 -11.93 -0.11
C LYS B 247 9.78 -13.03 0.77
N LYS B 248 11.08 -13.26 0.64
CA LYS B 248 11.73 -14.29 1.46
C LYS B 248 11.65 -13.90 2.92
N TRP B 249 11.82 -12.61 3.21
CA TRP B 249 11.72 -12.15 4.59
C TRP B 249 10.30 -12.32 5.11
N ILE B 250 9.32 -11.93 4.29
CA ILE B 250 7.91 -12.03 4.65
C ILE B 250 7.63 -13.52 4.94
N GLN B 251 8.15 -14.40 4.11
CA GLN B 251 7.93 -15.84 4.32
C GLN B 251 8.53 -16.35 5.64
N LYS B 252 9.77 -15.96 5.95
CA LYS B 252 10.41 -16.46 7.16
C LYS B 252 9.75 -15.91 8.40
N VAL B 253 9.02 -14.80 8.26
CA VAL B 253 8.34 -14.21 9.40
C VAL B 253 7.02 -14.94 9.60
N ILE B 254 6.30 -15.18 8.51
CA ILE B 254 5.00 -15.84 8.59
C ILE B 254 5.15 -17.34 8.73
N ASP B 255 6.25 -17.88 8.20
CA ASP B 255 6.54 -19.31 8.29
C ASP B 255 7.88 -19.43 8.99
N GLN B 256 7.92 -19.05 10.26
CA GLN B 256 9.17 -19.09 11.02
C GLN B 256 10.03 -20.34 10.84
N PHE B 257 9.41 -21.48 10.51
CA PHE B 257 10.15 -22.74 10.30
C PHE B 257 9.31 -23.81 9.59
N 0G6 C . 10.61 13.25 2.14
CA 0G6 C . 11.37 12.13 2.77
C 0G6 C . 10.43 10.95 2.94
O 0G6 C . 9.65 10.65 2.03
CB 0G6 C . 12.57 11.81 1.88
CG 0G6 C . 13.48 10.75 2.46
CD1 0G6 C . 14.21 10.97 3.68
CD2 0G6 C . 13.64 9.49 1.79
CE1 0G6 C . 15.07 9.97 4.20
CE2 0G6 C . 14.49 8.49 2.31
CZ 0G6 C . 15.21 8.73 3.53
N1 0G6 C . 10.45 10.29 4.11
CA1 0G6 C . 9.56 9.15 4.29
C1 0G6 C . 8.07 9.52 4.18
O1 0G6 C . 7.69 10.67 4.39
CB1 0G6 C . 9.91 8.63 5.70
CG1 0G6 C . 11.15 9.31 6.10
CD 0G6 C . 11.24 10.60 5.32
N2 0G6 C . 7.24 8.55 3.86
CA2 0G6 C . 5.82 8.81 3.77
C2 0G6 C . 5.07 7.89 4.74
O2 0G6 C . 3.94 8.35 5.08
CB2 0G6 C . 5.33 8.68 2.30
CG2 0G6 C . 5.70 9.92 1.46
CD3 0G6 C . 5.40 9.75 -0.02
NE 0G6 C . 5.89 10.76 -0.95
CZ1 0G6 C . 5.46 10.77 -2.21
NH1 0G6 C . 4.96 9.69 -2.84
NH2 0G6 C . 5.56 11.92 -2.88
C3 0G6 C . 5.73 7.59 6.12
#